data_7Z62
#
_entry.id   7Z62
#
_cell.length_a   48.122
_cell.length_b   57.089
_cell.length_c   83.399
_cell.angle_alpha   90.000
_cell.angle_beta   90.000
_cell.angle_gamma   90.000
#
_symmetry.space_group_name_H-M   'P 21 21 2'
#
loop_
_entity.id
_entity.type
_entity.pdbx_description
1 polymer 'PA-I galactophilic lectin'
2 non-polymer 'CALCIUM ION'
3 non-polymer (2R,3R,4S,5R,6S)-2-(hydroxymethyl)-6-[4-[1-(4-methoxyphenyl)ethenyl]phenyl]sulfanyl-oxane-3,4,5-triol
4 non-polymer 1,2-ETHANEDIOL
5 water water
#
_entity_poly.entity_id   1
_entity_poly.type   'polypeptide(L)'
_entity_poly.pdbx_seq_one_letter_code
;AWKGEVLANNEAGQVTSIIYNPGDVITIVAAGWASYGPTQKWGPQGDREHPDQGLICHDAFCGALVMKIGNSGTIPVNTG
LFRWVAPNNVQGAITLIYNDVPGTYGNNSGSFSVNIGKDQS
;
_entity_poly.pdbx_strand_id   AAA,BBB
#
# COMPACT_ATOMS: atom_id res chain seq x y z
N ALA A 1 -14.80 34.18 5.06
CA ALA A 1 -13.95 32.94 5.27
C ALA A 1 -14.82 31.71 5.02
N TRP A 2 -14.19 30.56 4.88
CA TRP A 2 -14.92 29.29 4.66
C TRP A 2 -14.38 28.28 5.63
N LYS A 3 -15.23 27.47 6.23
CA LYS A 3 -14.77 26.35 7.05
C LYS A 3 -15.63 25.17 6.65
N GLY A 4 -15.03 24.03 6.51
CA GLY A 4 -15.72 22.85 6.04
C GLY A 4 -14.83 21.63 6.06
N GLU A 5 -15.33 20.56 5.52
CA GLU A 5 -14.68 19.26 5.60
C GLU A 5 -14.44 18.84 4.15
N VAL A 6 -13.34 18.15 3.93
CA VAL A 6 -13.07 17.52 2.62
C VAL A 6 -12.90 16.03 2.87
N LEU A 7 -13.76 15.21 2.29
CA LEU A 7 -13.68 13.74 2.45
C LEU A 7 -12.56 13.20 1.59
N ALA A 8 -11.84 12.26 2.13
CA ALA A 8 -10.72 11.59 1.41
C ALA A 8 -11.25 10.84 0.21
N ASN A 9 -12.48 10.35 0.24
CA ASN A 9 -13.07 9.53 -0.86
C ASN A 9 -13.78 10.39 -1.87
N ASN A 10 -13.65 11.71 -1.81
CA ASN A 10 -14.31 12.65 -2.71
C ASN A 10 -13.41 12.94 -3.92
N GLU A 11 -13.55 12.19 -5.00
CA GLU A 11 -12.57 12.34 -6.11
C GLU A 11 -12.70 13.69 -6.79
N ALA A 12 -13.89 14.26 -6.92
CA ALA A 12 -14.08 15.57 -7.55
C ALA A 12 -13.60 16.69 -6.70
N GLY A 13 -13.52 16.48 -5.39
CA GLY A 13 -13.09 17.49 -4.43
C GLY A 13 -14.26 18.27 -3.86
N GLN A 14 -13.97 18.97 -2.79
CA GLN A 14 -14.93 19.82 -2.10
C GLN A 14 -14.83 21.25 -2.59
N VAL A 15 -15.83 21.76 -3.30
N VAL A 15 -15.83 21.76 -3.30
CA VAL A 15 -15.85 23.17 -3.73
CA VAL A 15 -15.85 23.16 -3.72
C VAL A 15 -16.04 24.02 -2.48
C VAL A 15 -16.02 24.02 -2.46
N THR A 16 -15.32 25.15 -2.40
CA THR A 16 -15.50 26.11 -1.30
C THR A 16 -16.21 27.34 -1.88
N SER A 17 -16.61 28.22 -0.99
CA SER A 17 -17.18 29.53 -1.38
C SER A 17 -16.11 30.60 -1.54
N ILE A 18 -14.82 30.24 -1.48
CA ILE A 18 -13.71 31.20 -1.70
C ILE A 18 -13.45 31.27 -3.19
N ILE A 19 -13.62 32.46 -3.76
N ILE A 19 -13.63 32.46 -3.76
CA ILE A 19 -13.17 32.76 -5.13
CA ILE A 19 -13.18 32.75 -5.14
C ILE A 19 -11.84 33.49 -5.03
C ILE A 19 -11.85 33.49 -5.05
N TYR A 20 -10.78 32.83 -5.46
CA TYR A 20 -9.43 33.43 -5.51
C TYR A 20 -9.37 34.42 -6.69
N ASN A 21 -9.13 35.68 -6.36
CA ASN A 21 -8.98 36.76 -7.37
C ASN A 21 -7.54 37.23 -7.41
N PRO A 22 -7.10 37.84 -8.53
CA PRO A 22 -5.79 38.49 -8.61
C PRO A 22 -5.46 39.40 -7.42
N GLY A 23 -4.29 39.17 -6.79
CA GLY A 23 -3.77 39.97 -5.68
C GLY A 23 -4.24 39.47 -4.32
N ASP A 24 -5.21 38.53 -4.28
CA ASP A 24 -5.71 38.07 -2.99
C ASP A 24 -4.55 37.38 -2.26
N VAL A 25 -4.54 37.61 -0.99
CA VAL A 25 -3.70 36.86 -0.02
C VAL A 25 -4.66 35.98 0.77
N ILE A 26 -4.32 34.70 0.86
CA ILE A 26 -5.14 33.73 1.60
C ILE A 26 -4.31 32.93 2.61
N THR A 27 -5.02 32.54 3.63
CA THR A 27 -4.47 31.63 4.63
C THR A 27 -5.36 30.40 4.68
N ILE A 28 -4.76 29.21 4.74
CA ILE A 28 -5.46 27.94 4.84
C ILE A 28 -4.86 27.19 6.01
N VAL A 29 -5.69 26.67 6.90
CA VAL A 29 -5.23 25.72 7.94
C VAL A 29 -6.02 24.45 7.76
N ALA A 30 -5.37 23.31 7.71
CA ALA A 30 -5.99 22.00 7.55
C ALA A 30 -5.61 21.08 8.69
N ALA A 31 -6.56 20.27 9.13
CA ALA A 31 -6.30 19.32 10.22
C ALA A 31 -7.05 18.03 9.98
N GLY A 32 -6.61 16.99 10.61
CA GLY A 32 -7.40 15.76 10.64
C GLY A 32 -6.64 14.55 10.12
N TRP A 33 -7.37 13.46 9.94
CA TRP A 33 -6.81 12.14 9.72
C TRP A 33 -7.55 11.47 8.59
N ALA A 34 -6.82 10.96 7.61
CA ALA A 34 -7.42 10.31 6.44
C ALA A 34 -6.53 9.21 5.92
N SER A 35 -7.06 8.35 5.08
CA SER A 35 -6.31 7.27 4.43
C SER A 35 -6.69 7.15 2.97
N TYR A 36 -5.70 6.76 2.16
CA TYR A 36 -5.90 6.39 0.75
C TYR A 36 -6.15 4.92 0.61
N GLY A 37 -6.47 4.18 1.67
CA GLY A 37 -6.86 2.78 1.55
C GLY A 37 -6.43 1.96 2.76
N PRO A 38 -5.16 2.08 3.21
CA PRO A 38 -4.67 1.32 4.38
C PRO A 38 -5.50 1.62 5.65
N THR A 39 -5.47 0.72 6.63
N THR A 39 -5.46 0.71 6.62
CA THR A 39 -6.26 0.95 7.87
CA THR A 39 -6.26 0.93 7.86
C THR A 39 -5.63 2.11 8.67
C THR A 39 -5.63 2.09 8.67
N GLN A 40 -4.33 2.31 8.55
CA GLN A 40 -3.65 3.49 9.14
C GLN A 40 -4.22 4.79 8.56
N LYS A 41 -4.06 5.91 9.27
CA LYS A 41 -4.42 7.24 8.77
C LYS A 41 -3.19 8.13 8.89
N TRP A 42 -3.22 9.18 8.10
CA TRP A 42 -2.17 10.24 8.02
C TRP A 42 -2.80 11.62 8.01
N GLY A 43 -2.05 12.63 8.41
CA GLY A 43 -2.47 14.00 8.40
C GLY A 43 -2.42 14.59 7.02
N PRO A 44 -2.67 15.91 6.94
CA PRO A 44 -2.74 16.59 5.65
C PRO A 44 -1.45 16.66 4.84
N GLN A 45 -0.31 16.24 5.37
CA GLN A 45 0.92 16.09 4.55
C GLN A 45 0.98 14.70 3.94
N GLY A 46 0.05 13.82 4.22
CA GLY A 46 0.04 12.48 3.64
C GLY A 46 1.12 11.58 4.16
N ASP A 47 1.42 10.53 3.38
CA ASP A 47 2.33 9.44 3.73
C ASP A 47 3.69 9.60 3.06
N ARG A 48 4.68 10.01 3.81
CA ARG A 48 5.99 10.34 3.23
C ARG A 48 6.73 9.08 2.75
N GLU A 49 6.25 7.91 3.11
CA GLU A 49 6.93 6.66 2.79
C GLU A 49 6.39 6.03 1.52
N HIS A 50 5.25 6.50 1.01
CA HIS A 50 4.55 5.80 -0.10
C HIS A 50 4.92 6.42 -1.43
N PRO A 51 5.23 5.61 -2.43
CA PRO A 51 5.63 6.16 -3.74
C PRO A 51 4.41 6.77 -4.43
N ASP A 52 4.72 7.64 -5.36
CA ASP A 52 3.76 8.28 -6.28
C ASP A 52 3.40 7.30 -7.39
N GLN A 53 2.23 6.72 -7.37
CA GLN A 53 1.78 5.74 -8.36
C GLN A 53 0.87 6.42 -9.36
N GLY A 54 0.97 7.73 -9.55
CA GLY A 54 0.09 8.43 -10.50
C GLY A 54 -0.84 9.43 -9.88
N LEU A 55 -0.37 10.08 -8.85
CA LEU A 55 -1.22 10.98 -8.04
C LEU A 55 -1.72 12.17 -8.84
N ILE A 56 -2.84 12.78 -8.47
CA ILE A 56 -3.29 14.02 -9.08
C ILE A 56 -2.29 15.15 -8.85
N CYS A 57 -1.49 15.11 -7.78
CA CYS A 57 -0.46 16.12 -7.51
C CYS A 57 0.84 15.43 -7.24
N HIS A 58 1.82 15.69 -8.13
CA HIS A 58 3.15 15.06 -8.00
C HIS A 58 4.04 15.87 -7.07
N ASP A 59 3.57 16.98 -6.52
CA ASP A 59 4.47 17.81 -5.68
C ASP A 59 4.01 17.70 -4.22
N ALA A 60 3.22 16.68 -3.90
CA ALA A 60 2.75 16.39 -2.51
C ALA A 60 2.64 14.88 -2.38
N PHE A 61 2.70 14.36 -1.17
CA PHE A 61 2.64 12.92 -0.95
C PHE A 61 1.22 12.41 -1.19
N CYS A 62 1.09 11.11 -1.37
CA CYS A 62 -0.21 10.42 -1.39
C CYS A 62 -0.85 10.69 -0.03
N GLY A 63 -2.09 11.12 -0.06
CA GLY A 63 -2.81 11.41 1.16
C GLY A 63 -2.69 12.81 1.63
N ALA A 64 -1.98 13.69 0.94
CA ALA A 64 -1.90 15.11 1.26
C ALA A 64 -3.12 15.86 0.78
N LEU A 65 -3.41 17.01 1.38
CA LEU A 65 -4.39 17.95 0.88
C LEU A 65 -3.79 18.80 -0.24
N VAL A 66 -4.50 18.88 -1.36
CA VAL A 66 -4.16 19.77 -2.47
C VAL A 66 -5.40 20.58 -2.87
N MET A 67 -5.24 21.49 -3.79
CA MET A 67 -6.33 22.35 -4.22
C MET A 67 -6.23 22.60 -5.72
N LYS A 68 -7.36 23.04 -6.25
CA LYS A 68 -7.39 23.66 -7.58
C LYS A 68 -8.03 25.02 -7.43
N ILE A 69 -7.58 25.98 -8.22
CA ILE A 69 -8.21 27.32 -8.27
C ILE A 69 -8.77 27.47 -9.69
N GLY A 70 -10.09 27.48 -9.79
CA GLY A 70 -10.76 27.50 -11.11
C GLY A 70 -10.28 26.31 -11.94
N ASN A 71 -9.81 26.60 -13.16
CA ASN A 71 -9.39 25.59 -14.15
C ASN A 71 -7.91 25.20 -13.94
N SER A 72 -7.30 25.48 -12.79
CA SER A 72 -5.86 25.24 -12.57
C SER A 72 -5.54 23.76 -12.47
N GLY A 73 -4.26 23.46 -12.59
CA GLY A 73 -3.68 22.20 -12.11
C GLY A 73 -3.70 22.17 -10.58
N THR A 74 -3.33 21.02 -10.05
CA THR A 74 -3.30 20.86 -8.59
C THR A 74 -2.16 21.70 -8.01
N ILE A 75 -2.38 22.18 -6.79
CA ILE A 75 -1.46 23.04 -6.04
C ILE A 75 -1.37 22.41 -4.65
N PRO A 76 -0.21 22.06 -4.13
CA PRO A 76 -0.12 21.53 -2.77
C PRO A 76 -0.62 22.50 -1.71
N VAL A 77 -1.40 21.97 -0.73
CA VAL A 77 -1.80 22.71 0.47
C VAL A 77 -1.15 22.12 1.71
N ASN A 78 -1.13 20.79 1.82
CA ASN A 78 -0.58 20.13 3.02
C ASN A 78 -1.27 20.68 4.28
N THR A 79 -0.53 21.06 5.30
CA THR A 79 -1.14 21.58 6.55
C THR A 79 -1.77 22.94 6.33
N GLY A 80 -1.38 23.62 5.29
CA GLY A 80 -1.91 24.96 5.07
C GLY A 80 -0.96 25.88 4.37
N LEU A 81 -1.44 27.08 4.09
CA LEU A 81 -0.68 28.12 3.39
C LEU A 81 -0.83 29.39 4.21
N PHE A 82 0.26 30.07 4.48
CA PHE A 82 0.24 31.28 5.33
C PHE A 82 0.43 32.54 4.48
N ARG A 83 -0.61 33.37 4.45
CA ARG A 83 -0.61 34.66 3.70
C ARG A 83 0.01 34.43 2.33
N TRP A 84 -0.61 33.53 1.58
CA TRP A 84 -0.17 33.04 0.26
C TRP A 84 -0.82 33.80 -0.89
N VAL A 85 -0.01 34.10 -1.88
CA VAL A 85 -0.46 34.74 -3.14
C VAL A 85 -0.15 33.75 -4.24
N ALA A 86 -1.07 33.56 -5.18
CA ALA A 86 -0.84 32.62 -6.31
C ALA A 86 0.28 33.15 -7.20
N PRO A 87 1.29 32.32 -7.54
CA PRO A 87 2.47 32.80 -8.28
C PRO A 87 2.23 32.99 -9.80
N ASN A 88 1.13 32.42 -10.29
CA ASN A 88 0.74 32.52 -11.73
C ASN A 88 -0.67 33.12 -11.82
N ASN A 89 -1.16 33.19 -13.06
CA ASN A 89 -2.45 33.79 -13.49
C ASN A 89 -3.66 32.90 -13.14
N VAL A 90 -3.74 32.36 -11.93
CA VAL A 90 -4.89 31.48 -11.57
C VAL A 90 -5.97 32.30 -10.83
N GLN A 91 -7.22 31.93 -11.09
CA GLN A 91 -8.42 32.67 -10.66
C GLN A 91 -9.57 31.68 -10.57
N GLY A 92 -10.43 31.85 -9.59
CA GLY A 92 -11.69 31.12 -9.56
C GLY A 92 -11.87 30.43 -8.24
N ALA A 93 -12.96 29.69 -8.13
CA ALA A 93 -13.30 29.01 -6.89
C ALA A 93 -12.17 28.05 -6.47
N ILE A 94 -11.95 27.99 -5.18
CA ILE A 94 -11.00 26.99 -4.65
C ILE A 94 -11.79 25.70 -4.45
N THR A 95 -11.26 24.60 -4.95
CA THR A 95 -11.73 23.24 -4.66
C THR A 95 -10.58 22.53 -3.93
N LEU A 96 -10.89 21.92 -2.79
CA LEU A 96 -9.96 21.13 -1.98
C LEU A 96 -10.11 19.67 -2.35
N ILE A 97 -9.02 18.99 -2.51
CA ILE A 97 -9.04 17.59 -2.98
C ILE A 97 -8.00 16.80 -2.20
N TYR A 98 -8.31 15.58 -1.86
CA TYR A 98 -7.39 14.59 -1.28
C TYR A 98 -6.47 14.06 -2.41
N ASN A 99 -5.17 13.97 -2.16
CA ASN A 99 -4.19 13.56 -3.22
C ASN A 99 -4.17 12.04 -3.26
N ASP A 100 -4.76 11.50 -4.33
CA ASP A 100 -4.71 10.04 -4.55
C ASP A 100 -4.65 9.78 -6.07
N VAL A 101 -4.57 8.54 -6.45
CA VAL A 101 -4.49 8.15 -7.90
C VAL A 101 -5.89 8.16 -8.44
N PRO A 102 -6.17 8.77 -9.61
CA PRO A 102 -7.51 8.75 -10.14
C PRO A 102 -8.07 7.34 -10.28
N GLY A 103 -9.37 7.26 -9.90
CA GLY A 103 -10.10 6.00 -9.99
C GLY A 103 -9.97 5.18 -8.72
N THR A 104 -9.11 5.58 -7.75
CA THR A 104 -8.81 4.74 -6.56
C THR A 104 -9.40 5.41 -5.31
N TYR A 105 -10.31 6.33 -5.43
CA TYR A 105 -10.85 7.04 -4.23
C TYR A 105 -11.89 6.22 -3.47
N GLY A 106 -12.44 5.15 -4.05
CA GLY A 106 -13.51 4.45 -3.36
C GLY A 106 -13.07 3.78 -2.09
N ASN A 107 -11.84 3.43 -1.87
CA ASN A 107 -11.43 2.77 -0.60
C ASN A 107 -10.87 3.79 0.40
N ASN A 108 -11.05 5.07 0.14
CA ASN A 108 -10.44 6.08 1.03
C ASN A 108 -11.27 6.26 2.29
N SER A 109 -10.68 6.77 3.34
CA SER A 109 -11.38 6.89 4.65
C SER A 109 -11.03 8.22 5.28
N GLY A 110 -11.91 8.82 6.02
CA GLY A 110 -11.59 10.02 6.80
C GLY A 110 -11.72 11.27 6.01
N SER A 111 -11.18 12.34 6.55
CA SER A 111 -11.48 13.70 6.08
C SER A 111 -10.50 14.66 6.72
N PHE A 112 -10.39 15.84 6.12
CA PHE A 112 -9.70 16.95 6.77
C PHE A 112 -10.68 18.08 7.01
N SER A 113 -10.52 18.75 8.15
N SER A 113 -10.52 18.74 8.15
N SER A 113 -10.51 18.75 8.14
CA SER A 113 -11.23 20.00 8.48
CA SER A 113 -11.22 20.00 8.49
CA SER A 113 -11.24 19.99 8.47
C SER A 113 -10.36 21.14 8.00
C SER A 113 -10.35 21.14 8.01
C SER A 113 -10.36 21.14 8.00
N VAL A 114 -10.93 22.07 7.26
CA VAL A 114 -10.16 23.11 6.61
C VAL A 114 -10.78 24.44 6.85
N ASN A 115 -9.98 25.42 7.17
CA ASN A 115 -10.40 26.83 7.19
C ASN A 115 -9.65 27.61 6.12
N ILE A 116 -10.32 28.52 5.40
CA ILE A 116 -9.69 29.38 4.39
C ILE A 116 -10.17 30.79 4.67
N GLY A 117 -9.28 31.71 4.63
CA GLY A 117 -9.71 33.12 4.73
C GLY A 117 -8.89 33.97 3.83
N LYS A 118 -9.41 35.16 3.49
CA LYS A 118 -8.62 36.16 2.77
C LYS A 118 -8.03 37.12 3.81
N ASP A 119 -6.77 37.36 3.64
CA ASP A 119 -5.98 38.21 4.54
C ASP A 119 -6.02 39.62 4.01
N GLN A 120 -5.52 40.55 4.83
N GLN A 120 -5.52 40.55 4.84
CA GLN A 120 -5.42 41.97 4.43
CA GLN A 120 -5.38 41.98 4.45
C GLN A 120 -4.45 42.06 3.25
C GLN A 120 -4.45 42.06 3.23
N SER A 121 -4.72 42.96 2.29
CA SER A 121 -3.85 43.14 1.12
C SER A 121 -3.91 44.57 0.63
N ALA B 1 16.96 -33.93 2.60
CA ALA B 1 16.92 -32.58 3.21
C ALA B 1 17.37 -31.54 2.19
N TRP B 2 16.93 -30.31 2.38
CA TRP B 2 17.25 -29.19 1.46
C TRP B 2 17.42 -27.92 2.27
N LYS B 3 18.36 -27.06 1.93
CA LYS B 3 18.47 -25.71 2.51
C LYS B 3 18.75 -24.74 1.37
N GLY B 4 18.14 -23.59 1.42
CA GLY B 4 18.40 -22.58 0.39
C GLY B 4 17.58 -21.34 0.63
N GLU B 5 17.61 -20.47 -0.35
CA GLU B 5 17.08 -19.11 -0.23
C GLU B 5 15.93 -18.99 -1.20
N VAL B 6 14.84 -18.36 -0.76
CA VAL B 6 13.67 -18.08 -1.60
C VAL B 6 13.61 -16.57 -1.81
N LEU B 7 13.90 -16.12 -3.04
CA LEU B 7 13.92 -14.66 -3.33
C LEU B 7 12.49 -14.16 -3.47
N ALA B 8 12.18 -13.03 -2.82
CA ALA B 8 10.82 -12.45 -2.84
C ALA B 8 10.45 -12.02 -4.29
N ASN B 9 11.45 -11.72 -5.12
CA ASN B 9 11.17 -11.29 -6.52
C ASN B 9 11.09 -12.46 -7.47
N ASN B 10 11.14 -13.70 -6.98
CA ASN B 10 11.14 -14.91 -7.83
C ASN B 10 9.69 -15.38 -8.02
N GLU B 11 9.02 -14.92 -9.08
CA GLU B 11 7.59 -15.19 -9.25
C GLU B 11 7.34 -16.69 -9.46
N ALA B 12 8.18 -17.38 -10.21
CA ALA B 12 7.95 -18.80 -10.54
C ALA B 12 8.20 -19.65 -9.28
N GLY B 13 9.01 -19.14 -8.36
CA GLY B 13 9.29 -19.90 -7.14
C GLY B 13 10.63 -20.60 -7.17
N GLN B 14 11.10 -20.97 -5.98
CA GLN B 14 12.37 -21.70 -5.76
C GLN B 14 12.09 -23.19 -5.65
N VAL B 15 12.52 -23.96 -6.64
N VAL B 15 12.50 -23.96 -6.64
CA VAL B 15 12.33 -25.45 -6.61
CA VAL B 15 12.33 -25.44 -6.61
C VAL B 15 13.32 -25.97 -5.57
C VAL B 15 13.31 -25.97 -5.57
N THR B 16 12.89 -26.98 -4.83
CA THR B 16 13.77 -27.65 -3.85
C THR B 16 14.09 -29.03 -4.40
N SER B 17 15.01 -29.69 -3.73
CA SER B 17 15.33 -31.12 -3.98
C SER B 17 14.38 -32.06 -3.27
N ILE B 18 13.43 -31.59 -2.51
CA ILE B 18 12.45 -32.46 -1.80
C ILE B 18 11.36 -32.91 -2.74
N ILE B 19 11.27 -34.21 -2.96
CA ILE B 19 10.09 -34.84 -3.61
C ILE B 19 9.20 -35.39 -2.53
N TYR B 20 8.06 -34.77 -2.32
CA TYR B 20 7.06 -35.22 -1.34
C TYR B 20 6.38 -36.46 -1.93
N ASN B 21 6.52 -37.59 -1.26
CA ASN B 21 5.88 -38.87 -1.64
C ASN B 21 4.78 -39.22 -0.67
N PRO B 22 3.77 -40.03 -1.07
CA PRO B 22 2.74 -40.48 -0.14
C PRO B 22 3.32 -41.05 1.16
N GLY B 23 2.79 -40.52 2.27
CA GLY B 23 3.11 -40.95 3.63
C GLY B 23 4.30 -40.20 4.23
N ASP B 24 4.98 -39.38 3.46
CA ASP B 24 6.12 -38.62 3.96
C ASP B 24 5.67 -37.63 5.02
N VAL B 25 6.56 -37.44 5.98
CA VAL B 25 6.42 -36.42 7.04
C VAL B 25 7.55 -35.46 6.83
N ILE B 26 7.27 -34.16 6.79
CA ILE B 26 8.31 -33.13 6.54
C ILE B 26 8.24 -32.04 7.63
N THR B 27 9.39 -31.42 7.83
CA THR B 27 9.54 -30.24 8.69
C THR B 27 10.21 -29.15 7.91
N ILE B 28 9.62 -27.94 7.98
CA ILE B 28 10.13 -26.73 7.29
C ILE B 28 10.37 -25.66 8.34
N VAL B 29 11.53 -25.03 8.32
CA VAL B 29 11.81 -23.82 9.13
C VAL B 29 12.22 -22.71 8.16
N ALA B 30 11.57 -21.57 8.22
CA ALA B 30 11.83 -20.41 7.35
C ALA B 30 12.12 -19.17 8.19
N ALA B 31 13.08 -18.39 7.72
CA ALA B 31 13.47 -17.17 8.44
C ALA B 31 13.83 -16.08 7.46
N GLY B 32 13.86 -14.84 7.94
CA GLY B 32 14.36 -13.73 7.10
C GLY B 32 13.35 -12.62 6.89
N TRP B 33 13.75 -11.67 6.05
CA TRP B 33 13.04 -10.39 5.88
C TRP B 33 12.88 -10.12 4.40
N ALA B 34 11.69 -9.74 4.02
CA ALA B 34 11.41 -9.45 2.58
C ALA B 34 10.31 -8.41 2.50
N SER B 35 10.19 -7.85 1.30
CA SER B 35 9.15 -6.85 1.00
C SER B 35 8.47 -7.18 -0.33
N TYR B 36 7.16 -6.92 -0.39
CA TYR B 36 6.34 -7.01 -1.62
C TYR B 36 6.31 -5.62 -2.30
N GLY B 37 7.12 -4.67 -1.88
CA GLY B 37 7.13 -3.35 -2.52
C GLY B 37 7.46 -2.23 -1.54
N PRO B 38 6.74 -2.13 -0.41
CA PRO B 38 6.95 -1.06 0.58
C PRO B 38 8.35 -1.04 1.18
N THR B 39 8.69 0.10 1.78
CA THR B 39 10.04 0.30 2.37
C THR B 39 10.23 -0.66 3.55
N GLN B 40 9.18 -0.96 4.27
CA GLN B 40 9.23 -1.92 5.40
C GLN B 40 9.61 -3.32 4.87
N LYS B 41 10.01 -4.19 5.77
CA LYS B 41 10.18 -5.64 5.48
C LYS B 41 9.39 -6.41 6.54
N TRP B 42 8.98 -7.60 6.15
CA TRP B 42 8.20 -8.56 6.97
C TRP B 42 8.86 -9.95 6.92
N GLY B 43 8.58 -10.73 7.96
CA GLY B 43 9.07 -12.11 8.06
C GLY B 43 8.19 -13.00 7.22
N PRO B 44 8.40 -14.31 7.38
CA PRO B 44 7.70 -15.29 6.54
C PRO B 44 6.20 -15.45 6.80
N GLN B 45 5.60 -14.77 7.78
CA GLN B 45 4.15 -14.69 7.94
C GLN B 45 3.57 -13.51 7.17
N GLY B 46 4.41 -12.69 6.57
CA GLY B 46 3.98 -11.54 5.76
C GLY B 46 3.38 -10.44 6.59
N ASP B 47 2.50 -9.66 5.93
CA ASP B 47 1.95 -8.39 6.47
C ASP B 47 0.51 -8.58 6.83
N ARG B 48 0.19 -8.68 8.11
CA ARG B 48 -1.17 -8.95 8.58
C ARG B 48 -2.09 -7.75 8.36
N GLU B 49 -1.55 -6.59 8.01
CA GLU B 49 -2.37 -5.36 7.89
C GLU B 49 -2.81 -5.14 6.44
N HIS B 50 -2.21 -5.83 5.47
CA HIS B 50 -2.39 -5.56 4.04
C HIS B 50 -3.51 -6.42 3.47
N PRO B 51 -4.49 -5.85 2.75
CA PRO B 51 -5.52 -6.68 2.17
C PRO B 51 -4.94 -7.53 1.02
N ASP B 52 -5.67 -8.60 0.75
CA ASP B 52 -5.45 -9.53 -0.40
C ASP B 52 -5.96 -8.85 -1.68
N GLN B 53 -5.05 -8.41 -2.53
CA GLN B 53 -5.39 -7.71 -3.80
C GLN B 53 -5.17 -8.65 -4.98
N GLY B 54 -5.27 -9.96 -4.76
CA GLY B 54 -5.10 -10.96 -5.84
C GLY B 54 -3.90 -11.87 -5.58
N LEU B 55 -3.71 -12.30 -4.35
CA LEU B 55 -2.52 -13.10 -4.01
C LEU B 55 -2.59 -14.49 -4.65
N ILE B 56 -1.42 -15.07 -4.85
CA ILE B 56 -1.37 -16.48 -5.33
C ILE B 56 -1.88 -17.45 -4.27
N CYS B 57 -1.89 -17.06 -3.00
CA CYS B 57 -2.42 -17.88 -1.91
C CYS B 57 -3.34 -17.02 -1.07
N HIS B 58 -4.62 -17.30 -1.12
CA HIS B 58 -5.64 -16.52 -0.37
C HIS B 58 -5.69 -16.97 1.08
N ASP B 59 -4.94 -17.99 1.50
CA ASP B 59 -5.01 -18.47 2.90
C ASP B 59 -3.74 -18.06 3.65
N ALA B 60 -2.99 -17.09 3.14
CA ALA B 60 -1.84 -16.50 3.86
C ALA B 60 -1.76 -15.04 3.51
N PHE B 61 -1.07 -14.28 4.33
CA PHE B 61 -0.92 -12.83 4.10
C PHE B 61 -0.01 -12.56 2.91
N CYS B 62 -0.11 -11.35 2.40
CA CYS B 62 0.82 -10.84 1.43
C CYS B 62 2.22 -10.83 2.04
N GLY B 63 3.21 -11.43 1.37
CA GLY B 63 4.59 -11.46 1.83
C GLY B 63 4.86 -12.69 2.69
N ALA B 64 3.89 -13.60 2.82
CA ALA B 64 4.11 -14.87 3.53
C ALA B 64 4.85 -15.84 2.61
N LEU B 65 5.52 -16.82 3.21
CA LEU B 65 6.01 -17.98 2.43
C LEU B 65 4.93 -19.02 2.21
N VAL B 66 4.79 -19.46 0.96
CA VAL B 66 3.86 -20.55 0.58
C VAL B 66 4.61 -21.59 -0.25
N MET B 67 3.94 -22.67 -0.58
CA MET B 67 4.59 -23.73 -1.39
C MET B 67 3.57 -24.33 -2.35
N LYS B 68 4.12 -24.99 -3.36
CA LYS B 68 3.33 -25.95 -4.16
C LYS B 68 4.06 -27.28 -4.09
N ILE B 69 3.30 -28.35 -4.11
CA ILE B 69 3.86 -29.74 -4.14
C ILE B 69 3.33 -30.36 -5.42
N GLY B 70 4.22 -30.55 -6.37
CA GLY B 70 3.84 -31.07 -7.71
C GLY B 70 2.64 -30.34 -8.28
N ASN B 71 1.51 -31.01 -8.50
CA ASN B 71 0.29 -30.44 -9.13
C ASN B 71 -0.56 -29.60 -8.18
N SER B 72 -0.13 -29.34 -6.95
CA SER B 72 -1.02 -28.74 -5.94
C SER B 72 -1.25 -27.24 -6.25
N GLY B 73 -2.30 -26.74 -5.65
CA GLY B 73 -2.48 -25.31 -5.43
C GLY B 73 -1.53 -24.86 -4.32
N THR B 74 -1.49 -23.58 -4.08
CA THR B 74 -0.59 -23.05 -3.04
C THR B 74 -1.05 -23.50 -1.65
N ILE B 75 -0.07 -23.74 -0.79
CA ILE B 75 -0.28 -24.19 0.61
C ILE B 75 0.54 -23.24 1.47
N PRO B 76 -0.07 -22.65 2.51
CA PRO B 76 0.69 -21.78 3.41
C PRO B 76 1.82 -22.52 4.11
N VAL B 77 2.99 -21.87 4.17
CA VAL B 77 4.15 -22.35 4.97
C VAL B 77 4.41 -21.41 6.13
N ASN B 78 4.38 -20.11 5.89
CA ASN B 78 4.63 -19.12 6.96
C ASN B 78 6.01 -19.45 7.55
N THR B 79 6.13 -19.48 8.88
CA THR B 79 7.46 -19.71 9.51
C THR B 79 7.87 -21.16 9.36
N GLY B 80 6.95 -22.02 8.98
CA GLY B 80 7.31 -23.43 8.82
C GLY B 80 6.20 -24.36 9.22
N LEU B 81 6.49 -25.65 9.10
CA LEU B 81 5.51 -26.72 9.34
C LEU B 81 6.28 -27.79 10.13
N PHE B 82 5.69 -28.32 11.18
CA PHE B 82 6.36 -29.29 12.06
C PHE B 82 5.78 -30.69 11.84
N ARG B 83 6.58 -31.62 11.38
CA ARG B 83 6.20 -33.05 11.20
C ARG B 83 4.85 -33.11 10.49
N TRP B 84 4.79 -32.51 9.33
CA TRP B 84 3.57 -32.23 8.55
C TRP B 84 3.38 -33.31 7.46
N VAL B 85 2.13 -33.70 7.26
CA VAL B 85 1.76 -34.65 6.18
C VAL B 85 0.85 -33.90 5.22
N ALA B 86 0.98 -34.18 3.92
CA ALA B 86 0.19 -33.49 2.87
C ALA B 86 -1.20 -34.07 2.75
N PRO B 87 -2.12 -33.29 2.12
CA PRO B 87 -3.47 -33.79 1.81
C PRO B 87 -3.42 -34.95 0.81
N ASN B 88 -4.52 -35.72 0.75
CA ASN B 88 -4.63 -36.86 -0.21
C ASN B 88 -4.24 -36.43 -1.61
N ASN B 89 -3.45 -37.27 -2.29
CA ASN B 89 -3.20 -37.15 -3.76
C ASN B 89 -2.23 -35.99 -4.01
N VAL B 90 -1.62 -35.41 -2.98
CA VAL B 90 -0.65 -34.30 -3.16
C VAL B 90 0.74 -34.95 -3.08
N GLN B 91 1.50 -34.86 -4.17
CA GLN B 91 2.84 -35.41 -4.24
C GLN B 91 3.65 -34.71 -5.32
N GLY B 92 4.96 -34.77 -5.19
CA GLY B 92 5.89 -34.25 -6.18
C GLY B 92 6.86 -33.24 -5.57
N ALA B 93 7.64 -32.60 -6.41
CA ALA B 93 8.67 -31.66 -6.00
C ALA B 93 8.04 -30.48 -5.26
N ILE B 94 8.69 -30.08 -4.19
CA ILE B 94 8.23 -28.87 -3.45
C ILE B 94 8.90 -27.66 -4.07
N THR B 95 8.08 -26.67 -4.40
CA THR B 95 8.53 -25.32 -4.83
C THR B 95 8.08 -24.32 -3.76
N LEU B 96 8.97 -23.46 -3.31
CA LEU B 96 8.67 -22.42 -2.32
C LEU B 96 8.43 -21.08 -3.04
N ILE B 97 7.42 -20.32 -2.62
CA ILE B 97 7.05 -19.09 -3.37
C ILE B 97 6.72 -18.00 -2.34
N TYR B 98 7.14 -16.79 -2.62
CA TYR B 98 6.73 -15.56 -1.91
C TYR B 98 5.30 -15.24 -2.31
N ASN B 99 4.40 -15.05 -1.36
CA ASN B 99 2.97 -14.83 -1.62
C ASN B 99 2.79 -13.38 -2.06
N ASP B 100 2.53 -13.18 -3.35
CA ASP B 100 2.25 -11.80 -3.83
C ASP B 100 1.30 -11.87 -5.03
N VAL B 101 1.00 -10.70 -5.57
CA VAL B 101 0.06 -10.57 -6.70
C VAL B 101 0.81 -10.81 -7.99
N PRO B 102 0.32 -11.73 -8.86
CA PRO B 102 1.03 -11.95 -10.10
C PRO B 102 1.27 -10.67 -10.91
N GLY B 103 2.46 -10.60 -11.45
CA GLY B 103 2.91 -9.48 -12.30
C GLY B 103 3.52 -8.33 -11.51
N THR B 104 3.49 -8.41 -10.17
CA THR B 104 4.01 -7.33 -9.29
C THR B 104 5.33 -7.72 -8.63
N TYR B 105 5.94 -8.86 -8.98
CA TYR B 105 7.11 -9.35 -8.23
C TYR B 105 8.34 -8.51 -8.50
N GLY B 106 8.31 -7.70 -9.56
CA GLY B 106 9.48 -6.88 -9.93
C GLY B 106 9.84 -5.86 -8.86
N ASN B 107 8.95 -5.40 -8.00
CA ASN B 107 9.42 -4.42 -6.99
C ASN B 107 9.59 -5.10 -5.63
N ASN B 108 9.75 -6.40 -5.63
CA ASN B 108 9.97 -7.12 -4.34
C ASN B 108 11.44 -7.12 -4.02
N SER B 109 11.77 -7.37 -2.74
CA SER B 109 13.20 -7.52 -2.36
C SER B 109 13.32 -8.35 -1.07
N GLY B 110 14.55 -8.77 -0.83
CA GLY B 110 14.86 -9.67 0.28
C GLY B 110 14.49 -11.09 -0.06
N SER B 111 14.57 -11.90 0.98
CA SER B 111 14.51 -13.35 0.75
C SER B 111 14.29 -14.03 2.09
N PHE B 112 13.93 -15.28 2.01
CA PHE B 112 13.81 -16.15 3.20
C PHE B 112 14.82 -17.25 3.08
N SER B 113 15.45 -17.60 4.18
CA SER B 113 16.31 -18.79 4.31
C SER B 113 15.41 -19.93 4.80
N VAL B 114 15.45 -21.07 4.12
CA VAL B 114 14.48 -22.16 4.38
C VAL B 114 15.24 -23.46 4.46
N ASN B 115 14.89 -24.28 5.45
CA ASN B 115 15.37 -25.68 5.56
C ASN B 115 14.16 -26.58 5.46
N ILE B 116 14.26 -27.71 4.74
CA ILE B 116 13.22 -28.74 4.70
C ILE B 116 13.90 -30.06 4.96
N GLY B 117 13.29 -30.86 5.81
CA GLY B 117 13.79 -32.23 5.96
C GLY B 117 12.65 -33.18 6.00
N LYS B 118 12.95 -34.45 5.73
CA LYS B 118 11.95 -35.52 5.94
C LYS B 118 12.14 -36.13 7.32
N ASP B 119 11.05 -36.32 7.99
CA ASP B 119 11.02 -36.83 9.37
C ASP B 119 10.82 -38.35 9.34
N GLN B 120 11.04 -38.98 10.49
N GLN B 120 11.03 -38.97 10.49
CA GLN B 120 10.84 -40.43 10.62
CA GLN B 120 10.79 -40.42 10.65
C GLN B 120 9.34 -40.74 10.43
C GLN B 120 9.30 -40.74 10.42
N SER B 121 9.05 -41.91 9.84
CA SER B 121 7.66 -42.33 9.55
C SER B 121 7.62 -43.85 9.42
#